data_3IUT
#
_entry.id   3IUT
#
_cell.length_a   44.081
_cell.length_b   51.451
_cell.length_c   45.853
_cell.angle_alpha   90.00
_cell.angle_beta   115.50
_cell.angle_gamma   90.00
#
_symmetry.space_group_name_H-M   'P 1 21 1'
#
loop_
_entity.id
_entity.type
_entity.pdbx_description
1 polymer Cruzipain
2 non-polymer (3S)-3-(4-{(1S)-1,2-dimethyl-1-[(quinolin-6-ylmethyl)amino]propyl}-1H-1,2,3-triazol-1-yl)heptan-2-one
3 non-polymer 1,2-ETHANEDIOL
4 water water
#
_entity_poly.entity_id   1
_entity_poly.type   'polypeptide(L)'
_entity_poly.pdbx_seq_one_letter_code
;APAAVDWRARGAVTAVKDQGQCGSCWAFSAIGNVECQWFLAGHPLTNLAEQMLVSCDKTDSGCSGGLMNNAFEWIVQENN
GAVYTEDSYPYASGEGISPPCTTSGHTVGATITGHVELPQDEAQIAAWLAVNGPVAVAVDASSWMTYTGGVMTSCVSEQL
DHGVLLVGYNDGAAVPYWIIKNSWTTQWGEEGYIRIAKGSNQCLVKEEASSAVVGHHHHHH
;
_entity_poly.pdbx_strand_id   A
#
loop_
_chem_comp.id
_chem_comp.type
_chem_comp.name
_chem_comp.formula
EDO non-polymer 1,2-ETHANEDIOL 'C2 H6 O2'
KB2 non-polymer (3S)-3-(4-{(1S)-1,2-dimethyl-1-[(quinolin-6-ylmethyl)amino]propyl}-1H-1,2,3-triazol-1-yl)heptan-2-one 'C24 H33 N5 O'
#
# COMPACT_ATOMS: atom_id res chain seq x y z
N ALA A 1 -4.34 -16.65 15.57
CA ALA A 1 -4.26 -16.44 14.06
C ALA A 1 -3.45 -17.61 13.43
N PRO A 2 -3.53 -17.84 12.10
CA PRO A 2 -2.65 -18.80 11.42
C PRO A 2 -1.18 -18.50 11.68
N ALA A 3 -0.33 -19.52 11.67
CA ALA A 3 1.11 -19.35 11.87
C ALA A 3 1.74 -18.54 10.74
N ALA A 4 1.20 -18.62 9.55
CA ALA A 4 1.72 -17.91 8.36
C ALA A 4 0.59 -17.54 7.41
N VAL A 5 0.70 -16.40 6.75
CA VAL A 5 -0.22 -15.91 5.76
C VAL A 5 0.59 -15.25 4.65
N ASP A 6 0.21 -15.46 3.39
CA ASP A 6 0.80 -14.70 2.28
C ASP A 6 -0.32 -14.52 1.24
N TRP A 7 -0.89 -13.33 1.19
CA TRP A 7 -2.01 -13.08 0.26
C TRP A 7 -1.66 -13.23 -1.19
N ARG A 8 -0.38 -13.21 -1.54
CA ARG A 8 0.02 -13.52 -2.91
C ARG A 8 -0.40 -14.94 -3.31
N ALA A 9 -0.55 -15.85 -2.34
CA ALA A 9 -0.98 -17.24 -2.61
C ALA A 9 -2.36 -17.33 -3.19
N ARG A 10 -3.17 -16.29 -3.02
CA ARG A 10 -4.52 -16.21 -3.57
C ARG A 10 -4.58 -15.40 -4.87
N GLY A 11 -3.47 -14.85 -5.36
CA GLY A 11 -3.54 -13.91 -6.45
C GLY A 11 -4.18 -12.58 -6.09
N ALA A 12 -4.05 -12.16 -4.82
CA ALA A 12 -4.72 -10.97 -4.31
C ALA A 12 -3.94 -9.69 -4.45
N VAL A 13 -2.72 -9.78 -4.96
CA VAL A 13 -1.79 -8.63 -4.95
C VAL A 13 -1.32 -8.34 -6.40
N THR A 14 -1.40 -7.09 -6.85
CA THR A 14 -0.93 -6.72 -8.17
C THR A 14 0.61 -6.76 -8.24
N ALA A 15 1.16 -6.67 -9.44
CA ALA A 15 2.59 -6.60 -9.61
C ALA A 15 3.21 -5.37 -8.96
N VAL A 16 4.50 -5.48 -8.65
CA VAL A 16 5.26 -4.38 -8.06
C VAL A 16 5.38 -3.21 -9.06
N LYS A 17 5.17 -2.00 -8.57
CA LYS A 17 5.19 -0.79 -9.37
C LYS A 17 6.44 0.04 -9.05
N ASP A 18 6.54 1.21 -9.70
CA ASP A 18 7.68 2.08 -9.61
C ASP A 18 7.23 3.52 -9.44
N GLN A 19 7.42 4.09 -8.25
CA GLN A 19 7.03 5.45 -8.01
C GLN A 19 8.00 6.45 -8.68
N GLY A 20 9.19 6.00 -9.05
CA GLY A 20 10.14 6.94 -9.64
C GLY A 20 10.67 7.96 -8.68
N GLN A 21 10.91 9.17 -9.20
CA GLN A 21 11.48 10.25 -8.38
C GLN A 21 10.42 11.12 -7.70
N CYS A 22 9.14 10.76 -7.83
CA CYS A 22 8.03 11.43 -7.15
C CYS A 22 7.90 10.93 -5.70
N GLY A 23 7.68 11.84 -4.74
CA GLY A 23 7.38 11.46 -3.36
C GLY A 23 5.92 10.99 -3.17
N SER A 24 5.58 9.93 -3.88
CA SER A 24 4.22 9.42 -3.96
C SER A 24 4.04 8.09 -3.27
N CYS A 25 4.98 7.71 -2.35
CA CYS A 25 4.82 6.41 -1.69
C CYS A 25 3.44 6.26 -1.04
N TRP A 26 2.92 7.33 -0.43
CA TRP A 26 1.62 7.36 0.24
C TRP A 26 0.51 6.86 -0.71
N ALA A 27 0.61 7.24 -1.99
CA ALA A 27 -0.38 6.88 -2.98
C ALA A 27 -0.25 5.39 -3.36
N PHE A 28 0.98 4.90 -3.53
CA PHE A 28 1.21 3.49 -3.82
C PHE A 28 0.74 2.62 -2.65
N SER A 29 1.01 3.04 -1.41
CA SER A 29 0.56 2.29 -0.26
C SER A 29 -0.98 2.21 -0.23
N ALA A 30 -1.67 3.35 -0.37
CA ALA A 30 -3.11 3.40 -0.33
C ALA A 30 -3.75 2.61 -1.49
N ILE A 31 -3.27 2.83 -2.71
CA ILE A 31 -3.83 2.14 -3.88
C ILE A 31 -3.58 0.64 -3.82
N GLY A 32 -2.36 0.21 -3.40
CA GLY A 32 -2.11 -1.22 -3.28
C GLY A 32 -3.08 -1.86 -2.32
N ASN A 33 -3.36 -1.20 -1.21
CA ASN A 33 -4.34 -1.69 -0.26
C ASN A 33 -5.74 -1.77 -0.87
N VAL A 34 -6.15 -0.73 -1.64
CA VAL A 34 -7.49 -0.76 -2.25
C VAL A 34 -7.56 -1.92 -3.26
N GLU A 35 -6.51 -2.09 -4.05
CA GLU A 35 -6.48 -3.17 -5.04
C GLU A 35 -6.74 -4.50 -4.41
N CYS A 36 -6.06 -4.80 -3.29
CA CYS A 36 -6.22 -6.07 -2.60
C CYS A 36 -7.59 -6.21 -1.96
N GLN A 37 -8.06 -5.14 -1.32
CA GLN A 37 -9.39 -5.17 -0.66
C GLN A 37 -10.51 -5.37 -1.69
N TRP A 38 -10.36 -4.75 -2.88
CA TRP A 38 -11.34 -4.91 -3.95
C TRP A 38 -11.42 -6.37 -4.41
N PHE A 39 -10.26 -6.97 -4.67
CA PHE A 39 -10.24 -8.39 -5.00
C PHE A 39 -10.89 -9.27 -3.92
N LEU A 40 -10.55 -9.04 -2.65
CA LEU A 40 -11.01 -9.88 -1.57
C LEU A 40 -12.49 -9.71 -1.29
N ALA A 41 -13.18 -8.64 -1.67
N ALA A 41 -13.05 -8.66 -1.93
CA ALA A 41 -14.63 -8.54 -1.43
CA ALA A 41 -14.47 -8.40 -2.13
C ALA A 41 -15.46 -9.43 -2.39
C ALA A 41 -15.14 -9.10 -3.33
N GLY A 42 -14.76 -10.24 -3.17
N GLY A 42 -14.36 -9.82 -4.13
CA GLY A 42 -15.40 -11.10 -4.13
CA GLY A 42 -14.89 -10.66 -5.18
C GLY A 42 -15.52 -10.46 -5.50
C GLY A 42 -14.84 -10.07 -6.57
N HIS A 43 -14.55 -9.65 -5.92
N HIS A 43 -13.88 -9.22 -6.87
CA HIS A 43 -14.50 -9.06 -7.23
CA HIS A 43 -13.75 -8.61 -8.19
C HIS A 43 -13.21 -9.42 -7.91
C HIS A 43 -12.43 -8.98 -8.83
N PRO A 44 -13.17 -9.32 -9.24
N PRO A 44 -12.34 -8.80 -10.16
CA PRO A 44 -11.87 -9.52 -9.95
CA PRO A 44 -11.07 -9.11 -10.81
C PRO A 44 -10.63 -8.58 -9.53
C PRO A 44 -10.07 -8.28 -10.17
N LEU A 45 -9.26 -9.03 -9.56
CA LEU A 45 -8.04 -8.23 -9.28
C LEU A 45 -7.70 -7.22 -10.45
N THR A 46 -7.65 -5.95 -10.10
CA THR A 46 -7.62 -4.86 -11.05
C THR A 46 -6.51 -3.88 -10.62
N ASN A 47 -5.65 -3.49 -11.54
CA ASN A 47 -4.71 -2.43 -11.31
C ASN A 47 -5.38 -1.06 -11.25
N LEU A 48 -5.12 -0.29 -10.20
CA LEU A 48 -5.76 0.98 -9.95
C LEU A 48 -4.74 2.12 -9.97
N ALA A 49 -5.25 3.36 -10.04
CA ALA A 49 -4.44 4.48 -10.49
C ALA A 49 -3.87 5.35 -9.35
N GLU A 50 -2.62 5.13 -9.03
CA GLU A 50 -1.90 6.09 -8.20
C GLU A 50 -1.98 7.50 -8.72
N GLN A 51 -1.97 7.68 -10.03
CA GLN A 51 -1.96 9.05 -10.57
C GLN A 51 -3.20 9.83 -10.22
N MET A 52 -4.31 9.12 -10.03
CA MET A 52 -5.55 9.80 -9.60
C MET A 52 -5.29 10.52 -8.29
N LEU A 53 -4.68 9.82 -7.32
CA LEU A 53 -4.35 10.45 -6.06
C LEU A 53 -3.30 11.55 -6.22
N VAL A 54 -2.21 11.22 -6.87
CA VAL A 54 -1.10 12.20 -6.98
C VAL A 54 -1.56 13.49 -7.59
N SER A 55 -2.32 13.42 -8.68
CA SER A 55 -2.78 14.64 -9.36
C SER A 55 -4.06 15.26 -8.81
N CYS A 56 -5.00 14.45 -8.31
CA CYS A 56 -6.33 14.96 -8.03
C CYS A 56 -6.72 15.07 -6.54
N ASP A 57 -6.02 14.36 -5.65
CA ASP A 57 -6.36 14.44 -4.21
C ASP A 57 -5.66 15.66 -3.64
N LYS A 58 -6.41 16.78 -3.57
CA LYS A 58 -5.86 18.05 -3.12
C LYS A 58 -5.78 18.17 -1.59
N THR A 59 -6.13 17.08 -0.88
CA THR A 59 -5.90 16.99 0.55
C THR A 59 -4.57 16.36 0.88
N ASP A 60 -3.86 15.89 -0.15
CA ASP A 60 -2.48 15.42 -0.06
C ASP A 60 -1.62 16.36 -0.91
N SER A 61 -0.32 16.08 -1.01
CA SER A 61 0.65 17.03 -1.53
C SER A 61 1.41 16.48 -2.73
N GLY A 62 0.77 15.66 -3.54
CA GLY A 62 1.36 15.19 -4.80
C GLY A 62 2.69 14.50 -4.63
N CYS A 63 3.72 14.97 -5.38
CA CYS A 63 5.07 14.47 -5.25
C CYS A 63 5.84 14.96 -4.04
N SER A 64 5.20 15.79 -3.20
CA SER A 64 5.74 16.20 -1.92
C SER A 64 5.18 15.46 -0.71
N GLY A 65 4.40 14.40 -0.92
CA GLY A 65 4.02 13.52 0.15
C GLY A 65 2.55 13.60 0.50
N GLY A 66 2.16 12.75 1.43
CA GLY A 66 0.75 12.71 1.87
C GLY A 66 0.56 11.68 2.97
N LEU A 67 -0.68 11.31 3.22
CA LEU A 67 -1.08 10.34 4.25
C LEU A 67 -2.03 9.35 3.61
N MET A 68 -1.82 8.04 3.82
CA MET A 68 -2.74 7.07 3.32
C MET A 68 -4.13 7.33 3.84
N ASN A 69 -4.27 7.72 5.11
CA ASN A 69 -5.60 7.97 5.63
C ASN A 69 -6.28 9.15 4.97
N ASN A 70 -5.55 10.20 4.62
CA ASN A 70 -6.15 11.30 3.85
C ASN A 70 -6.60 10.80 2.48
N ALA A 71 -5.79 9.94 1.86
CA ALA A 71 -6.16 9.40 0.55
C ALA A 71 -7.47 8.62 0.57
N PHE A 72 -7.61 7.75 1.58
CA PHE A 72 -8.84 6.98 1.71
C PHE A 72 -10.05 7.91 1.92
N GLU A 73 -9.87 8.95 2.73
CA GLU A 73 -10.91 9.94 2.98
C GLU A 73 -11.27 10.74 1.74
N TRP A 74 -10.28 11.12 0.94
CA TRP A 74 -10.55 11.86 -0.30
C TRP A 74 -11.40 11.00 -1.25
N ILE A 75 -11.01 9.74 -1.38
CA ILE A 75 -11.74 8.86 -2.28
C ILE A 75 -13.22 8.91 -1.93
N VAL A 76 -13.53 8.68 -0.68
CA VAL A 76 -14.94 8.62 -0.23
C VAL A 76 -15.63 10.00 -0.25
N GLN A 77 -14.98 11.01 0.31
CA GLN A 77 -15.63 12.31 0.56
C GLN A 77 -15.61 13.20 -0.66
N GLU A 78 -14.65 13.03 -1.55
CA GLU A 78 -14.51 13.92 -2.72
C GLU A 78 -14.66 13.23 -4.09
N ASN A 79 -14.46 11.92 -4.17
CA ASN A 79 -14.57 11.18 -5.42
C ASN A 79 -15.69 10.15 -5.44
N ASN A 80 -16.66 10.29 -4.52
CA ASN A 80 -17.85 9.37 -4.51
CA ASN A 80 -17.84 9.44 -4.54
C ASN A 80 -17.49 7.94 -4.37
N GLY A 81 -16.40 7.69 -3.68
CA GLY A 81 -15.97 6.34 -3.45
C GLY A 81 -15.16 5.70 -4.56
N ALA A 82 -15.01 6.40 -5.68
CA ALA A 82 -14.46 5.80 -6.88
C ALA A 82 -12.93 5.84 -6.97
N VAL A 83 -12.38 4.76 -7.50
CA VAL A 83 -10.97 4.64 -7.79
C VAL A 83 -10.80 4.22 -9.25
N TYR A 84 -10.13 5.02 -10.05
CA TYR A 84 -9.99 4.73 -11.48
C TYR A 84 -8.93 3.65 -11.76
N THR A 85 -9.08 2.98 -12.89
CA THR A 85 -8.10 2.00 -13.31
C THR A 85 -6.80 2.64 -13.71
N GLU A 86 -5.68 1.89 -13.50
CA GLU A 86 -4.39 2.33 -13.98
C GLU A 86 -4.32 2.52 -15.51
N ASP A 87 -5.12 1.52 -16.06
N ASP A 87 -4.75 1.63 -16.30
CA ASP A 87 -5.50 1.21 -17.52
CA ASP A 87 -4.54 1.85 -17.72
C ASP A 87 -6.18 2.43 -18.05
C ASP A 87 -5.15 3.18 -18.24
N SER A 88 -7.14 2.99 -17.31
N SER A 88 -6.25 3.62 -17.61
CA SER A 88 -7.70 4.33 -17.65
CA SER A 88 -6.97 4.79 -18.12
C SER A 88 -6.97 5.69 -17.17
C SER A 88 -6.51 5.99 -17.45
N TYR A 89 -5.85 5.72 -16.34
CA TYR A 89 -5.16 6.92 -15.74
C TYR A 89 -3.70 6.54 -15.40
N PRO A 90 -2.87 6.38 -16.43
CA PRO A 90 -1.53 5.83 -16.16
C PRO A 90 -0.60 6.76 -15.35
N TYR A 91 0.40 6.22 -14.61
CA TYR A 91 1.35 6.99 -13.84
C TYR A 91 2.16 7.93 -14.74
N ALA A 92 2.37 9.17 -14.32
CA ALA A 92 3.07 10.17 -15.15
C ALA A 92 3.93 11.12 -14.30
N SER A 93 4.41 10.62 -13.13
CA SER A 93 5.14 11.45 -12.23
C SER A 93 6.53 10.92 -11.95
N GLY A 94 6.99 9.99 -12.79
CA GLY A 94 8.27 9.32 -12.56
C GLY A 94 9.44 10.29 -12.52
N GLU A 95 9.34 11.46 -13.18
CA GLU A 95 10.38 12.53 -13.13
C GLU A 95 10.34 13.46 -11.89
N GLY A 96 9.31 13.27 -11.06
CA GLY A 96 9.22 14.06 -9.84
C GLY A 96 8.22 15.20 -9.92
N ILE A 97 7.65 15.45 -11.12
CA ILE A 97 6.64 16.45 -11.37
C ILE A 97 5.30 15.83 -11.60
N SER A 98 4.34 16.18 -10.76
CA SER A 98 2.99 15.75 -10.91
C SER A 98 2.25 16.70 -11.86
N PRO A 99 1.73 16.13 -12.90
CA PRO A 99 0.91 16.98 -13.76
C PRO A 99 -0.44 17.38 -13.17
N PRO A 100 -0.97 18.55 -13.62
N PRO A 100 -1.22 18.11 -13.96
CA PRO A 100 -2.35 18.87 -13.24
CA PRO A 100 -2.46 18.57 -13.43
C PRO A 100 -3.36 17.66 -13.40
C PRO A 100 -3.45 17.47 -13.46
N CYS A 101 -4.37 17.55 -12.53
CA CYS A 101 -5.47 16.62 -12.56
C CYS A 101 -6.25 16.64 -13.89
N THR A 102 -6.60 15.45 -14.42
CA THR A 102 -7.60 15.31 -15.49
C THR A 102 -8.79 14.62 -14.87
N THR A 103 -9.94 15.30 -14.89
CA THR A 103 -11.16 14.76 -14.30
C THR A 103 -11.94 13.84 -15.22
N SER A 104 -11.88 14.09 -16.52
CA SER A 104 -12.63 13.31 -17.52
C SER A 104 -11.97 12.12 -18.07
N GLY A 105 -12.76 11.18 -18.61
N GLY A 105 -12.79 11.14 -18.51
CA GLY A 105 -12.24 10.05 -19.38
CA GLY A 105 -12.41 9.99 -19.37
C GLY A 105 -11.26 9.17 -18.65
C GLY A 105 -11.79 8.75 -18.76
N HIS A 106 -11.67 8.75 -17.47
CA HIS A 106 -10.98 7.70 -16.84
C HIS A 106 -12.10 6.74 -16.67
N THR A 107 -11.76 5.51 -16.29
CA THR A 107 -12.69 4.46 -16.03
C THR A 107 -12.68 3.94 -14.55
N VAL A 108 -13.82 3.78 -13.90
CA VAL A 108 -13.90 3.33 -12.50
C VAL A 108 -13.54 1.85 -12.40
N GLY A 109 -12.58 1.51 -11.55
CA GLY A 109 -12.12 0.15 -11.37
C GLY A 109 -12.55 -0.46 -10.05
N ALA A 110 -12.85 0.38 -9.05
CA ALA A 110 -13.19 -0.06 -7.72
C ALA A 110 -13.90 1.04 -6.97
N THR A 111 -14.64 0.67 -5.95
CA THR A 111 -15.22 1.67 -5.03
C THR A 111 -14.93 1.24 -3.59
N ILE A 112 -14.79 2.20 -2.68
CA ILE A 112 -14.66 1.92 -1.25
C ILE A 112 -15.66 2.75 -0.50
N THR A 113 -15.99 2.33 0.73
CA THR A 113 -16.96 3.02 1.56
C THR A 113 -16.38 3.73 2.78
N GLY A 114 -15.13 3.46 3.14
CA GLY A 114 -14.52 4.09 4.32
C GLY A 114 -13.15 3.48 4.53
N HIS A 115 -12.58 3.69 5.69
CA HIS A 115 -11.33 3.10 6.07
C HIS A 115 -11.28 2.88 7.59
N VAL A 116 -10.31 2.08 8.01
CA VAL A 116 -10.05 1.81 9.42
C VAL A 116 -8.56 2.10 9.74
N GLU A 117 -8.32 2.60 10.94
CA GLU A 117 -6.96 2.80 11.44
C GLU A 117 -6.74 1.79 12.54
N LEU A 118 -5.78 0.89 12.36
CA LEU A 118 -5.64 -0.33 13.18
C LEU A 118 -4.82 -0.05 14.43
N PRO A 119 -4.94 -0.90 15.46
CA PRO A 119 -4.17 -0.74 16.70
C PRO A 119 -2.68 -0.79 16.45
N GLN A 120 -1.96 -0.19 17.37
CA GLN A 120 -0.49 -0.07 17.31
C GLN A 120 0.14 -1.28 18.01
N ASP A 121 -0.02 -2.44 17.39
CA ASP A 121 0.34 -3.71 17.98
C ASP A 121 0.48 -4.73 16.87
N GLU A 122 1.66 -5.31 16.72
CA GLU A 122 1.95 -6.19 15.60
C GLU A 122 1.05 -7.44 15.61
N ALA A 123 0.81 -8.03 16.79
CA ALA A 123 -0.03 -9.21 16.84
C ALA A 123 -1.46 -8.85 16.38
N GLN A 124 -1.94 -7.70 16.81
CA GLN A 124 -3.30 -7.26 16.45
C GLN A 124 -3.41 -6.97 14.95
N ILE A 125 -2.38 -6.36 14.35
CA ILE A 125 -2.36 -6.10 12.92
C ILE A 125 -2.35 -7.42 12.16
N ALA A 126 -1.52 -8.36 12.59
CA ALA A 126 -1.44 -9.66 11.96
C ALA A 126 -2.77 -10.39 11.99
N ALA A 127 -3.45 -10.36 13.13
CA ALA A 127 -4.73 -11.03 13.25
C ALA A 127 -5.76 -10.43 12.29
N TRP A 128 -5.72 -9.09 12.12
CA TRP A 128 -6.65 -8.44 11.20
C TRP A 128 -6.32 -8.82 9.75
N LEU A 129 -5.04 -8.77 9.40
CA LEU A 129 -4.56 -9.13 8.09
C LEU A 129 -4.86 -10.56 7.72
N ALA A 130 -4.80 -11.48 8.69
CA ALA A 130 -5.03 -12.90 8.40
C ALA A 130 -6.43 -13.12 7.85
N VAL A 131 -7.41 -12.35 8.33
CA VAL A 131 -8.80 -12.50 7.85
C VAL A 131 -9.15 -11.53 6.74
N ASN A 132 -8.76 -10.26 6.92
CA ASN A 132 -9.25 -9.18 6.04
C ASN A 132 -8.31 -8.74 4.92
N GLY A 133 -7.08 -9.22 4.92
CA GLY A 133 -6.18 -8.92 3.81
C GLY A 133 -5.12 -7.85 4.07
N PRO A 134 -4.39 -7.55 3.00
CA PRO A 134 -3.23 -6.62 3.09
C PRO A 134 -3.59 -5.27 3.72
N VAL A 135 -2.59 -4.70 4.41
CA VAL A 135 -2.74 -3.53 5.26
C VAL A 135 -1.68 -2.48 4.85
N ALA A 136 -2.12 -1.23 4.67
CA ALA A 136 -1.21 -0.11 4.39
C ALA A 136 -0.48 0.28 5.72
N VAL A 137 0.84 0.47 5.63
CA VAL A 137 1.62 0.86 6.81
C VAL A 137 2.62 1.94 6.45
N ALA A 138 2.89 2.83 7.40
CA ALA A 138 4.04 3.70 7.39
C ALA A 138 5.22 2.99 8.10
N VAL A 139 6.43 3.28 7.60
CA VAL A 139 7.64 2.73 8.18
C VAL A 139 8.75 3.78 8.11
N ASP A 140 9.80 3.53 8.89
CA ASP A 140 11.11 4.17 8.67
C ASP A 140 11.88 3.28 7.71
N ALA A 141 12.02 3.75 6.47
CA ALA A 141 12.73 3.06 5.39
C ALA A 141 14.10 3.72 5.14
N SER A 142 14.61 4.51 6.09
CA SER A 142 15.86 5.22 5.85
C SER A 142 17.02 4.27 5.68
N SER A 143 16.97 3.06 6.24
CA SER A 143 18.04 2.05 6.15
C SER A 143 17.79 1.01 5.05
N TRP A 144 16.79 1.28 4.15
CA TRP A 144 16.38 0.26 3.18
C TRP A 144 17.04 0.34 1.85
N MET A 145 17.78 1.40 1.56
CA MET A 145 18.33 1.55 0.19
C MET A 145 19.23 0.41 -0.26
N THR A 146 20.01 -0.12 0.68
CA THR A 146 20.99 -1.16 0.38
C THR A 146 20.47 -2.56 0.63
N TYR A 147 19.19 -2.71 1.00
CA TYR A 147 18.64 -4.06 1.24
C TYR A 147 18.54 -4.84 -0.05
N THR A 148 19.05 -6.07 -0.05
CA THR A 148 18.94 -6.95 -1.18
C THR A 148 18.11 -8.20 -0.90
N GLY A 149 18.02 -8.68 0.33
CA GLY A 149 17.33 -9.90 0.61
C GLY A 149 17.58 -10.42 2.01
N GLY A 150 16.71 -11.34 2.44
CA GLY A 150 16.70 -11.95 3.78
C GLY A 150 15.75 -11.23 4.69
N VAL A 151 15.74 -11.64 5.95
CA VAL A 151 14.91 -11.04 6.95
C VAL A 151 15.70 -9.97 7.69
N MET A 152 15.32 -8.71 7.50
CA MET A 152 16.02 -7.62 8.14
C MET A 152 15.81 -7.63 9.66
N THR A 153 16.95 -7.58 10.39
CA THR A 153 16.97 -7.55 11.84
C THR A 153 17.47 -6.20 12.42
N SER A 154 18.02 -5.35 11.56
CA SER A 154 18.81 -4.15 11.88
C SER A 154 18.11 -2.83 11.47
N CYS A 155 16.82 -2.86 11.18
CA CYS A 155 16.15 -1.70 10.64
C CYS A 155 16.35 -0.48 11.56
N VAL A 156 16.73 0.65 10.99
CA VAL A 156 16.77 1.92 11.72
C VAL A 156 15.32 2.34 11.94
N SER A 157 14.94 2.53 13.19
CA SER A 157 13.52 2.60 13.58
C SER A 157 13.28 3.90 14.40
N GLU A 158 13.34 5.03 13.70
CA GLU A 158 13.35 6.32 14.41
C GLU A 158 12.29 7.33 13.91
N GLN A 159 12.02 7.38 12.61
CA GLN A 159 11.12 8.40 12.05
C GLN A 159 10.36 7.79 10.88
N LEU A 160 9.05 7.83 10.89
CA LEU A 160 8.24 7.36 9.78
C LEU A 160 8.53 8.24 8.59
N ASP A 161 8.86 7.65 7.44
CA ASP A 161 9.23 8.39 6.26
C ASP A 161 8.79 7.70 4.95
N HIS A 162 8.03 6.62 4.99
CA HIS A 162 7.71 5.85 3.81
C HIS A 162 6.41 5.07 4.05
N GLY A 163 5.66 4.81 3.00
CA GLY A 163 4.43 4.03 3.00
C GLY A 163 4.52 2.83 2.10
N VAL A 164 4.13 1.67 2.63
CA VAL A 164 4.26 0.39 1.95
C VAL A 164 3.01 -0.46 2.29
N LEU A 165 3.05 -1.75 1.90
CA LEU A 165 1.91 -2.61 2.04
C LEU A 165 2.29 -3.96 2.67
N LEU A 166 1.72 -4.29 3.83
CA LEU A 166 1.90 -5.60 4.42
C LEU A 166 1.03 -6.61 3.68
N VAL A 167 1.65 -7.67 3.13
CA VAL A 167 0.87 -8.70 2.43
C VAL A 167 0.85 -10.03 3.15
N GLY A 168 1.65 -10.22 4.21
CA GLY A 168 1.66 -11.51 4.89
C GLY A 168 2.65 -11.45 6.03
N TYR A 169 2.79 -12.59 6.70
CA TYR A 169 3.73 -12.80 7.80
C TYR A 169 4.00 -14.30 7.90
N ASN A 170 5.06 -14.63 8.64
CA ASN A 170 5.38 -16.03 8.94
C ASN A 170 5.95 -16.10 10.36
N ASP A 171 5.14 -16.56 11.29
CA ASP A 171 5.52 -16.70 12.69
C ASP A 171 6.30 -18.02 12.96
N GLY A 172 6.28 -18.94 12.00
CA GLY A 172 6.93 -20.25 12.19
C GLY A 172 8.35 -20.30 11.70
N ALA A 173 8.84 -19.23 11.07
CA ALA A 173 10.17 -19.20 10.49
C ALA A 173 11.23 -19.04 11.60
N ALA A 174 12.48 -19.32 11.26
CA ALA A 174 13.56 -19.23 12.25
C ALA A 174 13.68 -17.84 12.81
N VAL A 175 13.49 -16.83 11.93
CA VAL A 175 13.29 -15.45 12.37
C VAL A 175 11.93 -15.06 11.84
N PRO A 176 10.92 -14.94 12.72
CA PRO A 176 9.60 -14.57 12.27
C PRO A 176 9.63 -13.26 11.52
N TYR A 177 8.79 -13.11 10.48
CA TYR A 177 8.86 -11.93 9.61
C TYR A 177 7.52 -11.45 9.09
N TRP A 178 7.50 -10.19 8.73
CA TRP A 178 6.48 -9.59 7.84
C TRP A 178 6.97 -9.65 6.40
N ILE A 179 6.01 -9.74 5.47
CA ILE A 179 6.24 -9.66 4.02
C ILE A 179 5.64 -8.34 3.54
N ILE A 180 6.47 -7.47 2.96
CA ILE A 180 6.14 -6.12 2.59
C ILE A 180 6.37 -5.86 1.13
N LYS A 181 5.34 -5.39 0.43
CA LYS A 181 5.44 -4.93 -0.98
C LYS A 181 5.91 -3.47 -0.99
N ASN A 182 6.98 -3.21 -1.74
CA ASN A 182 7.45 -1.84 -1.96
C ASN A 182 7.07 -1.36 -3.34
N SER A 183 7.41 -0.11 -3.65
CA SER A 183 7.10 0.58 -4.91
C SER A 183 8.38 1.14 -5.57
N TRP A 184 9.46 0.35 -5.50
CA TRP A 184 10.78 0.73 -6.00
C TRP A 184 11.26 -0.21 -7.12
N THR A 185 10.33 -0.75 -7.90
CA THR A 185 10.58 -1.73 -8.98
C THR A 185 10.84 -3.15 -8.43
N THR A 186 10.82 -4.14 -9.34
CA THR A 186 11.22 -5.50 -8.93
C THR A 186 12.71 -5.66 -8.85
N GLN A 187 13.50 -4.66 -9.26
CA GLN A 187 14.97 -4.75 -9.15
C GLN A 187 15.46 -4.59 -7.71
N TRP A 188 14.65 -3.97 -6.88
CA TRP A 188 15.02 -3.74 -5.51
C TRP A 188 14.55 -4.90 -4.66
N GLY A 189 15.41 -5.32 -3.73
CA GLY A 189 14.99 -6.29 -2.72
C GLY A 189 14.70 -7.65 -3.35
N GLU A 190 13.71 -8.33 -2.78
CA GLU A 190 13.31 -9.68 -3.16
C GLU A 190 12.21 -9.57 -4.20
N GLU A 191 12.59 -9.31 -5.45
CA GLU A 191 11.67 -9.01 -6.54
C GLU A 191 10.66 -7.94 -6.13
N GLY A 192 11.17 -6.93 -5.46
CA GLY A 192 10.39 -5.76 -5.10
C GLY A 192 9.80 -5.75 -3.71
N TYR A 193 9.99 -6.85 -3.00
CA TYR A 193 9.52 -7.07 -1.64
C TYR A 193 10.67 -7.03 -0.61
N ILE A 194 10.33 -6.80 0.65
CA ILE A 194 11.25 -6.91 1.75
C ILE A 194 10.59 -7.72 2.83
N ARG A 195 11.40 -8.50 3.55
CA ARG A 195 10.99 -9.14 4.80
C ARG A 195 11.71 -8.45 5.93
N ILE A 196 10.94 -8.07 6.96
CA ILE A 196 11.51 -7.52 8.23
C ILE A 196 11.09 -8.40 9.38
N ALA A 197 11.95 -8.50 10.36
CA ALA A 197 11.63 -9.29 11.56
C ALA A 197 10.35 -8.76 12.19
N LYS A 198 9.54 -9.69 12.71
CA LYS A 198 8.24 -9.40 13.30
C LYS A 198 8.30 -9.58 14.82
N GLY A 199 7.70 -8.65 15.57
CA GLY A 199 7.58 -8.75 16.98
C GLY A 199 8.41 -7.76 17.78
N SER A 200 9.19 -6.90 17.12
CA SER A 200 10.04 -5.98 17.84
C SER A 200 9.88 -4.56 17.29
N ASN A 201 8.75 -4.28 16.62
CA ASN A 201 8.48 -2.94 16.01
C ASN A 201 9.59 -2.48 15.10
N GLN A 202 10.14 -3.41 14.33
CA GLN A 202 11.15 -3.05 13.36
CA GLN A 202 11.16 -3.08 13.29
C GLN A 202 10.61 -2.04 12.36
N CYS A 203 11.40 -1.01 12.13
CA CYS A 203 11.04 0.04 11.18
C CYS A 203 9.78 0.81 11.60
N LEU A 204 9.38 0.73 12.87
CA LEU A 204 8.19 1.36 13.38
C LEU A 204 6.90 0.89 12.71
N VAL A 205 6.94 -0.37 12.24
CA VAL A 205 5.85 -0.91 11.42
C VAL A 205 4.49 -0.92 12.10
N LYS A 206 4.43 -0.97 13.42
CA LYS A 206 3.14 -0.99 14.13
CA LYS A 206 3.12 -0.99 14.09
C LYS A 206 2.44 0.35 14.24
N GLU A 207 3.12 1.42 13.93
CA GLU A 207 2.69 2.75 14.38
C GLU A 207 1.52 3.38 13.60
N GLU A 208 1.36 3.10 12.29
CA GLU A 208 0.37 3.75 11.45
CA GLU A 208 0.39 3.79 11.43
C GLU A 208 -0.13 2.82 10.37
N ALA A 209 -0.86 1.80 10.81
CA ALA A 209 -1.47 0.79 9.96
C ALA A 209 -2.93 1.16 9.68
N SER A 210 -3.37 0.97 8.43
CA SER A 210 -4.71 1.27 8.04
C SER A 210 -5.17 0.46 6.85
N SER A 211 -6.47 0.46 6.57
CA SER A 211 -7.00 -0.17 5.40
C SER A 211 -8.28 0.49 4.95
N ALA A 212 -8.50 0.52 3.63
CA ALA A 212 -9.81 0.74 3.04
C ALA A 212 -10.80 -0.35 3.49
N VAL A 213 -12.08 0.04 3.47
CA VAL A 213 -13.22 -0.87 3.63
C VAL A 213 -13.96 -0.91 2.31
N VAL A 214 -14.10 -2.12 1.78
CA VAL A 214 -14.92 -2.41 0.61
C VAL A 214 -16.11 -3.27 1.12
N GLY A 215 -17.32 -2.84 0.76
CA GLY A 215 -18.57 -3.50 1.11
C GLY A 215 -18.55 -4.97 0.80
C1 KB2 B . -0.31 16.76 3.54
N2 KB2 B . 0.90 16.63 3.02
C3 KB2 B . 1.82 15.79 3.58
C4 KB2 B . 1.47 14.98 4.70
C5 KB2 B . 0.21 15.18 5.26
C6 KB2 B . -0.64 16.05 4.65
C7 KB2 B . 2.44 14.08 5.19
C8 KB2 B . 3.68 13.96 4.57
C9 KB2 B . 4.02 14.77 3.48
C10 KB2 B . 3.08 15.68 2.98
C11 KB2 B . 4.68 12.86 5.05
N12 KB2 B . 3.92 11.52 5.10
C13 KB2 B . 4.73 10.29 4.85
C14 KB2 B . 5.31 10.42 3.42
N15 KB2 B . 4.46 10.67 2.38
N16 KB2 B . 5.14 10.73 1.30
N17 KB2 B . 6.36 10.48 1.61
C18 KB2 B . 6.54 10.29 2.93
C19 KB2 B . 7.38 10.53 0.52
C20 KB2 B . 7.58 9.16 -0.13
O21 KB2 B . 7.62 9.04 -1.37
C22 KB2 B . 7.65 7.95 0.69
C23 KB2 B . 8.65 11.16 0.98
C24 KB2 B . 8.39 12.66 1.26
C25 KB2 B . 8.08 13.47 -0.01
C26 KB2 B . 9.33 13.97 -0.75
C27 KB2 B . 3.76 9.07 4.91
C28 KB2 B . 3.09 8.83 6.23
C29 KB2 B . 4.43 7.75 4.40
C30 KB2 B . 5.85 10.17 5.92
C1 EDO C . -14.20 9.95 -15.50
O1 EDO C . -12.92 10.45 -15.71
C2 EDO C . -15.19 11.00 -15.03
O2 EDO C . -15.41 12.07 -15.98
C1 EDO D . 2.77 -9.87 -6.69
O1 EDO D . 3.27 -8.56 -6.40
C2 EDO D . 3.66 -10.70 -7.63
O2 EDO D . 3.59 -10.21 -9.02
C1 EDO E . -10.54 18.05 -17.37
O1 EDO E . -9.56 17.99 -16.34
C2 EDO E . -10.16 17.12 -18.45
O2 EDO E . -10.09 15.78 -18.02
C1 EDO F . 12.56 3.66 -7.90
O1 EDO F . 12.49 4.18 -9.25
C2 EDO F . 11.56 4.32 -6.94
O2 EDO F . 11.95 5.55 -6.28
#